data_4ALH
#
_entry.id   4ALH
#
_cell.length_a   114.282
_cell.length_b   55.697
_cell.length_c   68.713
_cell.angle_alpha   90.00
_cell.angle_beta   94.92
_cell.angle_gamma   90.00
#
_symmetry.space_group_name_H-M   'C 1 2 1'
#
loop_
_entity.id
_entity.type
_entity.pdbx_description
1 polymer 'BROMODOMAIN CONTAINING 2'
2 non-polymer 1,2-ETHANEDIOL
3 non-polymer '3,5 DIMETHYL-4-PHENYL-1,2-OXAZOLE'
4 non-polymer 'SULFATE ION'
5 water water
#
_entity_poly.entity_id   1
_entity_poly.type   'polypeptide(L)'
_entity_poly.pdbx_seq_one_letter_code
;GSSHHHHHHSSGLVPRGSHMSNPKKPGRVTNQLQYLHKVVMKALWKHQFAWPFRQPVDAVKLGLPDYHKIIKQPMDMGTI
KRRLENNYYWAASECMQDFNTMFTNCYIYNKPTDDIVLMAQTLEKIFLQKVASMPQEEQELVVTIPKNSHKKGA
;
_entity_poly.pdbx_strand_id   A,B,C
#
# COMPACT_ATOMS: atom_id res chain seq x y z
N VAL A 29 3.18 -10.89 14.51
CA VAL A 29 2.44 -9.60 14.54
C VAL A 29 3.40 -8.42 14.56
N THR A 30 3.65 -7.83 13.40
CA THR A 30 4.50 -6.64 13.28
C THR A 30 3.65 -5.41 12.96
N ASN A 31 4.23 -4.23 13.21
CA ASN A 31 3.61 -2.96 12.82
C ASN A 31 3.26 -2.90 11.33
N GLN A 32 4.17 -3.42 10.50
CA GLN A 32 4.00 -3.38 9.05
C GLN A 32 2.89 -4.33 8.60
N LEU A 33 2.86 -5.53 9.16
CA LEU A 33 1.84 -6.52 8.80
C LEU A 33 0.44 -6.03 9.18
N GLN A 34 0.34 -5.34 10.32
CA GLN A 34 -0.91 -4.72 10.75
C GLN A 34 -1.37 -3.67 9.74
N TYR A 35 -0.44 -2.85 9.26
CA TYR A 35 -0.74 -1.87 8.23
C TYR A 35 -1.23 -2.58 6.96
N LEU A 36 -0.53 -3.63 6.55
CA LEU A 36 -0.93 -4.39 5.37
C LEU A 36 -2.35 -4.97 5.48
N HIS A 37 -2.72 -5.42 6.68
CA HIS A 37 -4.04 -5.98 6.90
C HIS A 37 -5.12 -4.92 7.00
N LYS A 38 -4.88 -3.89 7.82
CA LYS A 38 -5.91 -2.89 8.14
C LYS A 38 -6.03 -1.72 7.16
N VAL A 39 -4.97 -1.43 6.40
CA VAL A 39 -4.98 -0.35 5.43
C VAL A 39 -4.99 -0.89 4.00
N VAL A 40 -4.01 -1.73 3.67
CA VAL A 40 -3.85 -2.22 2.30
C VAL A 40 -4.92 -3.23 1.90
N MET A 41 -5.01 -4.35 2.64
CA MET A 41 -6.00 -5.38 2.31
C MET A 41 -7.43 -4.87 2.45
N LYS A 42 -7.69 -4.08 3.49
CA LYS A 42 -9.03 -3.48 3.66
C LYS A 42 -9.43 -2.68 2.43
N ALA A 43 -8.51 -1.87 1.91
CA ALA A 43 -8.79 -1.04 0.74
C ALA A 43 -9.01 -1.88 -0.53
N LEU A 44 -8.23 -2.93 -0.71
CA LEU A 44 -8.29 -3.71 -1.94
C LEU A 44 -9.47 -4.69 -1.96
N TRP A 45 -9.73 -5.33 -0.82
CA TRP A 45 -10.78 -6.36 -0.72
C TRP A 45 -12.14 -5.89 -1.14
N LYS A 46 -12.49 -4.68 -0.72
CA LYS A 46 -13.81 -4.10 -0.97
C LYS A 46 -13.93 -3.35 -2.30
N HIS A 47 -12.83 -3.27 -3.05
CA HIS A 47 -12.82 -2.50 -4.31
C HIS A 47 -13.74 -3.12 -5.34
N GLN A 48 -14.38 -2.28 -6.16
CA GLN A 48 -15.31 -2.78 -7.18
C GLN A 48 -14.68 -3.67 -8.25
N PHE A 49 -13.37 -3.58 -8.45
CA PHE A 49 -12.63 -4.43 -9.39
C PHE A 49 -11.98 -5.65 -8.72
N ALA A 50 -12.21 -5.82 -7.42
CA ALA A 50 -11.53 -6.89 -6.66
C ALA A 50 -12.07 -8.30 -6.92
N TRP A 51 -13.33 -8.42 -7.32
CA TRP A 51 -13.99 -9.73 -7.35
C TRP A 51 -13.24 -10.85 -8.07
N PRO A 52 -12.59 -10.58 -9.23
CA PRO A 52 -11.85 -11.69 -9.87
C PRO A 52 -10.63 -12.19 -9.07
N PHE A 53 -10.15 -11.37 -8.14
CA PHE A 53 -8.95 -11.66 -7.38
C PHE A 53 -9.22 -12.20 -5.98
N ARG A 54 -10.48 -12.26 -5.55
CA ARG A 54 -10.79 -12.68 -4.17
C ARG A 54 -10.65 -14.19 -3.91
N GLN A 55 -10.48 -14.98 -4.96
CA GLN A 55 -10.32 -16.43 -4.82
C GLN A 55 -9.40 -16.90 -5.95
N PRO A 56 -8.79 -18.09 -5.80
CA PRO A 56 -7.88 -18.55 -6.86
C PRO A 56 -8.56 -18.60 -8.21
N VAL A 57 -7.78 -18.37 -9.27
CA VAL A 57 -8.24 -18.58 -10.63
C VAL A 57 -8.70 -20.02 -10.79
N ASP A 58 -9.95 -20.20 -11.24
CA ASP A 58 -10.49 -21.54 -11.47
C ASP A 58 -10.42 -21.81 -12.95
N ALA A 59 -9.37 -22.50 -13.37
CA ALA A 59 -9.08 -22.75 -14.80
C ALA A 59 -10.15 -23.58 -15.50
N VAL A 60 -10.82 -24.46 -14.75
CA VAL A 60 -11.89 -25.28 -15.30
C VAL A 60 -13.10 -24.38 -15.60
N LYS A 61 -13.51 -23.61 -14.59
CA LYS A 61 -14.64 -22.71 -14.72
C LYS A 61 -14.43 -21.70 -15.85
N LEU A 62 -13.22 -21.12 -15.93
CA LEU A 62 -12.95 -20.10 -16.93
C LEU A 62 -12.56 -20.65 -18.31
N GLY A 63 -12.43 -21.97 -18.43
CA GLY A 63 -12.05 -22.60 -19.69
C GLY A 63 -10.64 -22.24 -20.13
N LEU A 64 -9.69 -22.33 -19.21
CA LEU A 64 -8.31 -21.94 -19.46
C LEU A 64 -7.36 -23.13 -19.20
N PRO A 65 -7.35 -24.12 -20.11
CA PRO A 65 -6.55 -25.34 -19.87
C PRO A 65 -5.03 -25.13 -19.81
N ASP A 66 -4.55 -23.97 -20.26
CA ASP A 66 -3.11 -23.67 -20.21
C ASP A 66 -2.72 -22.83 -18.99
N TYR A 67 -3.67 -22.47 -18.14
CA TYR A 67 -3.39 -21.51 -17.07
C TYR A 67 -2.27 -22.01 -16.15
N HIS A 68 -2.39 -23.24 -15.67
CA HIS A 68 -1.41 -23.80 -14.74
C HIS A 68 -0.12 -24.24 -15.39
N LYS A 69 -0.13 -24.34 -16.72
CA LYS A 69 1.10 -24.57 -17.47
C LYS A 69 1.95 -23.30 -17.58
N ILE A 70 1.29 -22.14 -17.58
CA ILE A 70 1.96 -20.86 -17.71
C ILE A 70 2.26 -20.24 -16.34
N ILE A 71 1.29 -20.29 -15.44
CA ILE A 71 1.41 -19.69 -14.11
C ILE A 71 1.74 -20.79 -13.09
N LYS A 72 2.96 -20.78 -12.58
CA LYS A 72 3.44 -21.85 -11.68
C LYS A 72 3.21 -21.60 -10.19
N GLN A 73 3.04 -20.34 -9.79
N GLN A 73 2.95 -20.35 -9.81
CA GLN A 73 2.71 -19.99 -8.42
CA GLN A 73 2.72 -19.98 -8.43
C GLN A 73 1.47 -19.12 -8.42
C GLN A 73 1.47 -19.13 -8.34
N PRO A 74 0.28 -19.76 -8.44
CA PRO A 74 -0.96 -18.99 -8.37
C PRO A 74 -1.07 -18.24 -7.04
N MET A 75 -1.67 -17.06 -7.07
CA MET A 75 -1.90 -16.29 -5.84
C MET A 75 -3.14 -15.43 -6.01
N ASP A 76 -3.84 -15.20 -4.90
CA ASP A 76 -5.08 -14.42 -4.88
C ASP A 76 -5.26 -13.74 -3.53
N MET A 77 -6.16 -12.76 -3.47
CA MET A 77 -6.37 -11.97 -2.25
C MET A 77 -6.98 -12.77 -1.10
N GLY A 78 -7.81 -13.76 -1.41
CA GLY A 78 -8.40 -14.62 -0.38
C GLY A 78 -7.33 -15.36 0.39
N THR A 79 -6.37 -15.93 -0.34
CA THR A 79 -5.21 -16.59 0.26
C THR A 79 -4.40 -15.61 1.10
N ILE A 80 -4.12 -14.44 0.57
CA ILE A 80 -3.34 -13.43 1.30
C ILE A 80 -4.07 -12.98 2.57
N LYS A 81 -5.38 -12.73 2.45
CA LYS A 81 -6.20 -12.31 3.59
C LYS A 81 -6.20 -13.37 4.70
N ARG A 82 -6.37 -14.63 4.30
CA ARG A 82 -6.33 -15.76 5.23
C ARG A 82 -5.00 -15.79 5.97
N ARG A 83 -3.91 -15.63 5.21
CA ARG A 83 -2.56 -15.64 5.76
C ARG A 83 -2.33 -14.51 6.77
N LEU A 84 -2.86 -13.32 6.48
CA LEU A 84 -2.80 -12.20 7.41
C LEU A 84 -3.64 -12.46 8.66
N GLU A 85 -4.83 -13.01 8.48
CA GLU A 85 -5.69 -13.39 9.60
C GLU A 85 -5.08 -14.47 10.50
N ASN A 86 -4.38 -15.42 9.89
CA ASN A 86 -3.80 -16.56 10.62
C ASN A 86 -2.33 -16.39 11.03
N ASN A 87 -1.80 -15.17 10.92
CA ASN A 87 -0.40 -14.89 11.29
C ASN A 87 0.61 -15.81 10.59
N TYR A 88 0.35 -16.09 9.32
CA TYR A 88 1.21 -16.94 8.50
C TYR A 88 2.55 -16.27 8.20
N TYR A 89 2.51 -14.95 7.96
CA TYR A 89 3.70 -14.22 7.52
C TYR A 89 4.65 -13.90 8.67
N TRP A 90 5.94 -14.06 8.41
CA TRP A 90 6.99 -13.69 9.35
C TRP A 90 7.47 -12.28 9.13
N ALA A 91 7.23 -11.74 7.93
CA ALA A 91 7.65 -10.37 7.61
C ALA A 91 6.68 -9.73 6.62
N ALA A 92 6.59 -8.40 6.66
CA ALA A 92 5.73 -7.64 5.75
C ALA A 92 6.12 -7.86 4.29
N SER A 93 7.43 -7.89 4.02
CA SER A 93 7.94 -8.14 2.66
C SER A 93 7.37 -9.43 2.03
N GLU A 94 7.21 -10.47 2.84
N GLU A 94 7.19 -10.46 2.85
CA GLU A 94 6.65 -11.74 2.38
CA GLU A 94 6.66 -11.74 2.41
C GLU A 94 5.22 -11.58 1.86
C GLU A 94 5.23 -11.59 1.87
N CYS A 95 4.43 -10.81 2.60
CA CYS A 95 3.06 -10.49 2.17
C CYS A 95 3.04 -9.65 0.90
N MET A 96 3.93 -8.66 0.86
CA MET A 96 4.08 -7.80 -0.33
C MET A 96 4.44 -8.59 -1.58
N GLN A 97 5.31 -9.59 -1.44
CA GLN A 97 5.64 -10.47 -2.56
C GLN A 97 4.45 -11.29 -3.04
N ASP A 98 3.56 -11.70 -2.13
CA ASP A 98 2.34 -12.40 -2.54
C ASP A 98 1.42 -11.53 -3.37
N PHE A 99 1.19 -10.28 -2.92
CA PHE A 99 0.43 -9.31 -3.71
C PHE A 99 1.05 -9.14 -5.09
N ASN A 100 2.36 -8.94 -5.12
CA ASN A 100 3.07 -8.76 -6.38
C ASN A 100 2.92 -9.96 -7.32
N THR A 101 3.06 -11.16 -6.79
CA THR A 101 2.90 -12.39 -7.57
C THR A 101 1.50 -12.47 -8.18
N MET A 102 0.48 -12.13 -7.39
CA MET A 102 -0.89 -12.12 -7.88
C MET A 102 -1.04 -11.21 -9.10
N PHE A 103 -0.51 -10.00 -9.01
CA PHE A 103 -0.63 -9.05 -10.09
C PHE A 103 0.20 -9.48 -11.29
N THR A 104 1.43 -9.90 -11.03
CA THR A 104 2.35 -10.31 -12.10
C THR A 104 1.80 -11.52 -12.89
N ASN A 105 1.23 -12.49 -12.18
CA ASN A 105 0.59 -13.63 -12.83
C ASN A 105 -0.44 -13.16 -13.84
N CYS A 106 -1.23 -12.16 -13.45
CA CYS A 106 -2.28 -11.63 -14.29
C CYS A 106 -1.73 -10.98 -15.57
N TYR A 107 -0.65 -10.21 -15.44
CA TYR A 107 -0.03 -9.55 -16.60
C TYR A 107 0.63 -10.53 -17.58
N ILE A 108 1.26 -11.56 -17.01
CA ILE A 108 1.95 -12.58 -17.79
C ILE A 108 0.96 -13.48 -18.55
N TYR A 109 -0.09 -13.93 -17.89
CA TYR A 109 -1.02 -14.86 -18.52
C TYR A 109 -1.92 -14.22 -19.56
N ASN A 110 -2.47 -13.05 -19.27
CA ASN A 110 -3.53 -12.47 -20.10
C ASN A 110 -2.99 -11.67 -21.28
N LYS A 111 -3.87 -11.40 -22.25
CA LYS A 111 -3.51 -10.55 -23.38
C LYS A 111 -3.48 -9.08 -22.95
N PRO A 112 -2.62 -8.26 -23.60
CA PRO A 112 -2.50 -6.84 -23.30
C PRO A 112 -3.83 -6.07 -23.28
N THR A 113 -4.77 -6.49 -24.13
CA THR A 113 -6.05 -5.79 -24.29
C THR A 113 -7.17 -6.32 -23.40
N ASP A 114 -6.88 -7.33 -22.56
CA ASP A 114 -7.91 -7.90 -21.68
C ASP A 114 -8.27 -6.92 -20.57
N ASP A 115 -9.56 -6.82 -20.26
CA ASP A 115 -10.04 -5.95 -19.19
C ASP A 115 -9.41 -6.26 -17.85
N ILE A 116 -9.13 -7.55 -17.60
CA ILE A 116 -8.58 -7.98 -16.31
C ILE A 116 -7.24 -7.29 -16.03
N VAL A 117 -6.49 -6.99 -17.08
CA VAL A 117 -5.22 -6.28 -16.93
C VAL A 117 -5.44 -4.87 -16.37
N LEU A 118 -6.43 -4.16 -16.90
N LEU A 118 -6.43 -4.16 -16.90
CA LEU A 118 -6.80 -2.82 -16.41
CA LEU A 118 -6.80 -2.83 -16.41
C LEU A 118 -7.26 -2.88 -14.95
C LEU A 118 -7.23 -2.89 -14.95
N MET A 119 -8.03 -3.91 -14.62
CA MET A 119 -8.52 -4.09 -13.25
C MET A 119 -7.34 -4.31 -12.28
N ALA A 120 -6.43 -5.21 -12.65
CA ALA A 120 -5.22 -5.46 -11.88
C ALA A 120 -4.40 -4.18 -11.68
N GLN A 121 -4.20 -3.42 -12.75
N GLN A 121 -4.21 -3.43 -12.75
CA GLN A 121 -3.43 -2.18 -12.68
CA GLN A 121 -3.44 -2.18 -12.69
C GLN A 121 -4.05 -1.15 -11.73
C GLN A 121 -4.06 -1.18 -11.70
N THR A 122 -5.39 -1.11 -11.69
CA THR A 122 -6.10 -0.18 -10.81
C THR A 122 -5.86 -0.56 -9.35
N LEU A 123 -5.98 -1.84 -9.05
CA LEU A 123 -5.75 -2.35 -7.71
C LEU A 123 -4.28 -2.17 -7.32
N GLU A 124 -3.37 -2.50 -8.23
CA GLU A 124 -1.95 -2.40 -7.91
C GLU A 124 -1.50 -0.98 -7.61
N LYS A 125 -2.11 0.01 -8.28
CA LYS A 125 -1.84 1.41 -7.99
C LYS A 125 -2.18 1.76 -6.54
N ILE A 126 -3.33 1.28 -6.07
CA ILE A 126 -3.73 1.48 -4.68
C ILE A 126 -2.73 0.78 -3.74
N PHE A 127 -2.37 -0.45 -4.09
CA PHE A 127 -1.36 -1.20 -3.33
C PHE A 127 -0.09 -0.38 -3.15
N LEU A 128 0.43 0.16 -4.25
CA LEU A 128 1.68 0.93 -4.21
C LEU A 128 1.52 2.23 -3.44
N GLN A 129 0.41 2.92 -3.66
CA GLN A 129 0.10 4.15 -2.94
C GLN A 129 0.13 3.92 -1.42
N LYS A 130 -0.56 2.88 -0.97
CA LYS A 130 -0.62 2.57 0.45
C LYS A 130 0.74 2.10 0.98
N VAL A 131 1.42 1.26 0.22
CA VAL A 131 2.73 0.74 0.62
C VAL A 131 3.75 1.86 0.82
N ALA A 132 3.66 2.94 0.04
CA ALA A 132 4.51 4.11 0.21
C ALA A 132 4.43 4.75 1.61
N SER A 133 3.31 4.55 2.30
CA SER A 133 3.13 5.09 3.67
C SER A 133 3.21 4.04 4.77
N MET A 134 3.67 2.83 4.43
CA MET A 134 3.82 1.76 5.41
C MET A 134 4.90 2.13 6.43
N PRO A 135 4.73 1.72 7.70
CA PRO A 135 5.77 2.08 8.67
C PRO A 135 7.12 1.46 8.33
N GLN A 136 8.18 2.27 8.47
CA GLN A 136 9.56 1.80 8.28
C GLN A 136 9.95 0.80 9.36
N THR B 30 12.20 14.83 -1.42
CA THR B 30 11.83 14.27 -0.07
C THR B 30 12.83 13.20 0.38
N ASN B 31 12.73 12.83 1.66
CA ASN B 31 13.47 11.70 2.21
C ASN B 31 13.19 10.39 1.48
N GLN B 32 11.94 10.19 1.07
CA GLN B 32 11.54 8.95 0.39
C GLN B 32 12.12 8.88 -1.02
N LEU B 33 12.03 9.99 -1.76
CA LEU B 33 12.58 10.06 -3.11
C LEU B 33 14.10 9.92 -3.11
N GLN B 34 14.75 10.45 -2.07
CA GLN B 34 16.19 10.26 -1.87
C GLN B 34 16.54 8.79 -1.65
N TYR B 35 15.71 8.11 -0.85
CA TYR B 35 15.86 6.68 -0.61
C TYR B 35 15.64 5.87 -1.91
N LEU B 36 14.60 6.21 -2.65
CA LEU B 36 14.32 5.54 -3.94
C LEU B 36 15.48 5.72 -4.93
N HIS B 37 16.12 6.89 -4.91
CA HIS B 37 17.25 7.16 -5.79
C HIS B 37 18.50 6.49 -5.32
N LYS B 38 18.88 6.73 -4.07
CA LYS B 38 20.18 6.29 -3.57
C LYS B 38 20.22 4.84 -3.06
N VAL B 39 19.09 4.32 -2.57
CA VAL B 39 19.07 2.95 -2.05
C VAL B 39 18.41 1.98 -3.03
N VAL B 40 17.18 2.24 -3.44
CA VAL B 40 16.44 1.31 -4.30
C VAL B 40 17.01 1.27 -5.72
N MET B 41 17.03 2.42 -6.39
CA MET B 41 17.48 2.48 -7.78
C MET B 41 18.94 2.01 -7.97
N LYS B 42 19.83 2.41 -7.06
N LYS B 42 19.83 2.42 -7.06
CA LYS B 42 21.24 2.04 -7.15
CA LYS B 42 21.24 2.03 -7.14
C LYS B 42 21.40 0.52 -7.05
C LYS B 42 21.39 0.51 -7.06
N ALA B 43 20.60 -0.12 -6.19
CA ALA B 43 20.60 -1.58 -6.04
C ALA B 43 20.05 -2.32 -7.28
N LEU B 44 19.00 -1.78 -7.89
CA LEU B 44 18.49 -2.38 -9.13
C LEU B 44 19.44 -2.15 -10.30
N TRP B 45 19.96 -0.92 -10.42
CA TRP B 45 20.75 -0.51 -11.58
C TRP B 45 21.97 -1.36 -11.83
N LYS B 46 22.66 -1.74 -10.75
CA LYS B 46 23.92 -2.47 -10.86
C LYS B 46 23.72 -3.99 -11.00
N HIS B 47 22.47 -4.45 -10.88
CA HIS B 47 22.17 -5.87 -10.94
C HIS B 47 22.54 -6.45 -12.28
N GLN B 48 22.97 -7.70 -12.31
CA GLN B 48 23.38 -8.37 -13.54
C GLN B 48 22.25 -8.57 -14.58
N PHE B 49 20.99 -8.51 -14.15
CA PHE B 49 19.84 -8.61 -15.06
C PHE B 49 19.26 -7.24 -15.46
N ALA B 50 19.93 -6.16 -15.05
CA ALA B 50 19.37 -4.81 -15.17
C ALA B 50 19.60 -4.15 -16.53
N TRP B 51 20.60 -4.58 -17.29
CA TRP B 51 21.00 -3.85 -18.52
C TRP B 51 19.90 -3.58 -19.52
N PRO B 52 18.94 -4.53 -19.71
CA PRO B 52 17.85 -4.22 -20.66
C PRO B 52 16.94 -3.08 -20.21
N PHE B 53 16.94 -2.79 -18.90
CA PHE B 53 16.01 -1.84 -18.29
C PHE B 53 16.61 -0.46 -18.01
N ARG B 54 17.88 -0.25 -18.34
CA ARG B 54 18.58 0.99 -18.03
C ARG B 54 18.34 2.13 -19.04
N GLN B 55 17.69 1.80 -20.16
CA GLN B 55 17.36 2.78 -21.19
C GLN B 55 16.06 2.33 -21.86
N PRO B 56 15.39 3.24 -22.59
CA PRO B 56 14.14 2.83 -23.26
C PRO B 56 14.34 1.63 -24.18
N VAL B 57 13.30 0.82 -24.32
CA VAL B 57 13.28 -0.25 -25.31
C VAL B 57 13.42 0.38 -26.70
N ASP B 58 14.43 -0.07 -27.45
CA ASP B 58 14.66 0.40 -28.81
C ASP B 58 14.06 -0.62 -29.78
N ALA B 59 12.82 -0.35 -30.21
CA ALA B 59 12.05 -1.28 -31.03
C ALA B 59 12.62 -1.44 -32.44
N VAL B 60 13.26 -0.39 -32.94
CA VAL B 60 13.92 -0.43 -34.25
C VAL B 60 15.13 -1.36 -34.16
N LYS B 61 16.01 -1.10 -33.20
CA LYS B 61 17.21 -1.92 -32.99
C LYS B 61 16.88 -3.38 -32.71
N LEU B 62 15.89 -3.62 -31.86
CA LEU B 62 15.48 -5.00 -31.50
C LEU B 62 14.60 -5.67 -32.57
N GLY B 63 14.15 -4.90 -33.56
CA GLY B 63 13.30 -5.43 -34.62
C GLY B 63 11.92 -5.82 -34.12
N LEU B 64 11.29 -4.91 -33.38
CA LEU B 64 9.97 -5.14 -32.79
C LEU B 64 8.98 -4.06 -33.24
N PRO B 65 8.46 -4.16 -34.49
CA PRO B 65 7.60 -3.12 -35.02
C PRO B 65 6.23 -3.00 -34.33
N ASP B 66 5.82 -4.03 -33.59
CA ASP B 66 4.57 -3.96 -32.84
C ASP B 66 4.72 -3.43 -31.40
N TYR B 67 5.95 -3.15 -30.98
CA TYR B 67 6.18 -2.80 -29.57
C TYR B 67 5.36 -1.57 -29.14
N HIS B 68 5.45 -0.49 -29.91
CA HIS B 68 4.75 0.75 -29.55
C HIS B 68 3.26 0.74 -29.82
N LYS B 69 2.80 -0.26 -30.58
CA LYS B 69 1.37 -0.48 -30.78
C LYS B 69 0.74 -1.18 -29.57
N ILE B 70 1.56 -1.95 -28.85
CA ILE B 70 1.10 -2.69 -27.67
C ILE B 70 1.39 -1.94 -26.36
N ILE B 71 2.59 -1.39 -26.25
CA ILE B 71 2.99 -0.64 -25.07
C ILE B 71 2.82 0.86 -25.32
N LYS B 72 1.82 1.46 -24.68
CA LYS B 72 1.49 2.87 -24.92
C LYS B 72 2.16 3.85 -23.95
N GLN B 73 2.66 3.35 -22.83
N GLN B 73 2.61 3.36 -22.81
CA GLN B 73 3.40 4.16 -21.87
CA GLN B 73 3.40 4.17 -21.87
C GLN B 73 4.76 3.51 -21.58
C GLN B 73 4.74 3.50 -21.59
N PRO B 74 5.73 3.69 -22.49
CA PRO B 74 7.05 3.11 -22.27
C PRO B 74 7.69 3.69 -21.02
N MET B 75 8.43 2.87 -20.30
CA MET B 75 9.13 3.32 -19.10
C MET B 75 10.37 2.50 -18.90
N ASP B 76 11.39 3.13 -18.32
CA ASP B 76 12.67 2.48 -18.05
C ASP B 76 13.37 3.19 -16.89
N MET B 77 14.38 2.52 -16.32
CA MET B 77 15.07 3.07 -15.16
C MET B 77 15.89 4.32 -15.46
N GLY B 78 16.36 4.46 -16.69
CA GLY B 78 17.06 5.68 -17.12
C GLY B 78 16.14 6.90 -17.03
N THR B 79 14.91 6.74 -17.53
CA THR B 79 13.89 7.80 -17.43
C THR B 79 13.56 8.09 -15.97
N ILE B 80 13.35 7.05 -15.17
CA ILE B 80 13.04 7.20 -13.75
C ILE B 80 14.17 7.92 -12.99
N LYS B 81 15.41 7.50 -13.23
CA LYS B 81 16.59 8.13 -12.60
C LYS B 81 16.70 9.62 -12.96
N ARG B 82 16.48 9.95 -14.23
CA ARG B 82 16.56 11.33 -14.70
C ARG B 82 15.45 12.18 -14.08
N ARG B 83 14.28 11.59 -13.89
CA ARG B 83 13.16 12.24 -13.21
C ARG B 83 13.47 12.50 -11.73
N LEU B 84 14.07 11.51 -11.07
CA LEU B 84 14.49 11.67 -9.67
C LEU B 84 15.51 12.80 -9.52
N GLU B 85 16.43 12.91 -10.48
CA GLU B 85 17.50 13.90 -10.45
C GLU B 85 17.07 15.30 -10.89
N ASN B 86 16.02 15.38 -11.72
CA ASN B 86 15.46 16.68 -12.14
C ASN B 86 14.28 17.13 -11.27
N ASN B 87 14.10 16.51 -10.11
CA ASN B 87 13.02 16.84 -9.18
C ASN B 87 11.65 16.83 -9.85
N TYR B 88 11.44 15.85 -10.73
CA TYR B 88 10.19 15.71 -11.45
C TYR B 88 9.07 15.21 -10.54
N TYR B 89 9.41 14.33 -9.61
CA TYR B 89 8.42 13.69 -8.72
C TYR B 89 8.01 14.59 -7.58
N TRP B 90 6.73 14.51 -7.22
CA TRP B 90 6.17 15.21 -6.06
C TRP B 90 6.01 14.29 -4.87
N ALA B 91 5.84 13.00 -5.12
CA ALA B 91 5.70 12.00 -4.05
C ALA B 91 6.37 10.69 -4.44
N ALA B 92 6.82 9.94 -3.43
CA ALA B 92 7.44 8.63 -3.64
C ALA B 92 6.54 7.68 -4.43
N SER B 93 5.25 7.67 -4.10
N SER B 93 5.25 7.67 -4.12
CA SER B 93 4.24 6.88 -4.81
CA SER B 93 4.27 6.84 -4.82
C SER B 93 4.34 7.03 -6.33
C SER B 93 4.30 7.03 -6.33
N GLU B 94 4.55 8.26 -6.78
CA GLU B 94 4.63 8.57 -8.22
C GLU B 94 5.79 7.85 -8.88
N CYS B 95 6.93 7.86 -8.19
CA CYS B 95 8.12 7.18 -8.65
C CYS B 95 7.92 5.66 -8.67
N MET B 96 7.30 5.16 -7.60
CA MET B 96 6.97 3.73 -7.50
C MET B 96 6.04 3.27 -8.65
N GLN B 97 5.09 4.13 -9.02
N GLN B 97 5.10 4.14 -9.02
CA GLN B 97 4.19 3.86 -10.14
CA GLN B 97 4.20 3.89 -10.14
C GLN B 97 4.96 3.67 -11.45
C GLN B 97 4.96 3.68 -11.43
N ASP B 98 5.98 4.51 -11.68
CA ASP B 98 6.82 4.39 -12.86
C ASP B 98 7.60 3.07 -12.90
N PHE B 99 8.18 2.65 -11.77
CA PHE B 99 8.82 1.33 -11.69
C PHE B 99 7.82 0.24 -12.07
N ASN B 100 6.60 0.35 -11.55
CA ASN B 100 5.58 -0.63 -11.83
C ASN B 100 5.21 -0.67 -13.31
N THR B 101 5.05 0.49 -13.94
CA THR B 101 4.77 0.55 -15.36
C THR B 101 5.85 -0.18 -16.17
N MET B 102 7.11 0.05 -15.81
CA MET B 102 8.24 -0.59 -16.50
C MET B 102 8.15 -2.11 -16.43
N PHE B 103 7.93 -2.64 -15.23
CA PHE B 103 7.82 -4.10 -15.08
C PHE B 103 6.56 -4.64 -15.78
N THR B 104 5.44 -3.96 -15.60
N THR B 104 5.42 -3.97 -15.60
CA THR B 104 4.18 -4.40 -16.20
CA THR B 104 4.18 -4.42 -16.20
C THR B 104 4.25 -4.44 -17.72
C THR B 104 4.26 -4.45 -17.73
N ASN B 105 4.87 -3.42 -18.31
CA ASN B 105 5.10 -3.38 -19.77
C ASN B 105 5.83 -4.63 -20.26
N CYS B 106 6.87 -5.02 -19.53
CA CYS B 106 7.64 -6.22 -19.86
C CYS B 106 6.77 -7.48 -19.85
N TYR B 107 5.96 -7.64 -18.82
CA TYR B 107 5.07 -8.81 -18.68
C TYR B 107 3.98 -8.86 -19.74
N ILE B 108 3.43 -7.69 -20.05
CA ILE B 108 2.34 -7.57 -21.01
C ILE B 108 2.80 -7.85 -22.45
N TYR B 109 3.97 -7.35 -22.82
CA TYR B 109 4.43 -7.45 -24.21
C TYR B 109 5.05 -8.81 -24.54
N ASN B 110 5.89 -9.33 -23.64
CA ASN B 110 6.73 -10.49 -23.95
C ASN B 110 6.02 -11.82 -23.75
N LYS B 111 6.54 -12.87 -24.37
CA LYS B 111 6.01 -14.21 -24.15
C LYS B 111 6.37 -14.60 -22.71
N PRO B 112 5.45 -15.31 -22.02
CA PRO B 112 5.70 -15.73 -20.63
C PRO B 112 7.02 -16.47 -20.42
N THR B 113 7.46 -17.22 -21.44
CA THR B 113 8.68 -18.03 -21.35
C THR B 113 9.98 -17.30 -21.76
N ASP B 114 9.89 -16.04 -22.17
CA ASP B 114 11.09 -15.25 -22.53
C ASP B 114 11.95 -14.97 -21.30
N ASP B 115 13.27 -15.03 -21.46
CA ASP B 115 14.22 -14.73 -20.37
C ASP B 115 13.98 -13.35 -19.75
N ILE B 116 13.58 -12.37 -20.56
CA ILE B 116 13.38 -10.99 -20.09
C ILE B 116 12.31 -10.92 -19.00
N VAL B 117 11.31 -11.80 -19.08
CA VAL B 117 10.29 -11.90 -18.03
C VAL B 117 10.88 -12.34 -16.68
N LEU B 118 11.76 -13.34 -16.71
N LEU B 118 11.74 -13.35 -16.71
CA LEU B 118 12.43 -13.82 -15.50
CA LEU B 118 12.45 -13.82 -15.51
C LEU B 118 13.35 -12.73 -14.92
C LEU B 118 13.32 -12.71 -14.92
N MET B 119 13.99 -11.97 -15.79
CA MET B 119 14.86 -10.87 -15.39
C MET B 119 14.05 -9.74 -14.72
N ALA B 120 12.90 -9.38 -15.28
CA ALA B 120 11.99 -8.38 -14.69
C ALA B 120 11.48 -8.85 -13.31
N GLN B 121 10.98 -10.08 -13.25
CA GLN B 121 10.52 -10.69 -11.98
C GLN B 121 11.56 -10.58 -10.86
N THR B 122 12.82 -10.89 -11.18
CA THR B 122 13.92 -10.83 -10.21
C THR B 122 14.16 -9.41 -9.72
N LEU B 123 14.21 -8.45 -10.64
CA LEU B 123 14.40 -7.05 -10.28
C LEU B 123 13.21 -6.53 -9.48
N GLU B 124 12.01 -6.96 -9.88
CA GLU B 124 10.77 -6.49 -9.24
C GLU B 124 10.73 -6.93 -7.78
N LYS B 125 11.15 -8.17 -7.53
CA LYS B 125 11.21 -8.70 -6.17
C LYS B 125 12.17 -7.89 -5.29
N ILE B 126 13.30 -7.50 -5.86
CA ILE B 126 14.27 -6.67 -5.15
C ILE B 126 13.70 -5.29 -4.85
N PHE B 127 13.04 -4.69 -5.83
CA PHE B 127 12.37 -3.41 -5.67
C PHE B 127 11.41 -3.41 -4.48
N LEU B 128 10.60 -4.45 -4.39
CA LEU B 128 9.64 -4.56 -3.29
C LEU B 128 10.30 -4.76 -1.93
N GLN B 129 11.34 -5.60 -1.89
N GLN B 129 11.34 -5.59 -1.89
CA GLN B 129 12.13 -5.81 -0.68
CA GLN B 129 12.10 -5.81 -0.65
C GLN B 129 12.67 -4.50 -0.13
C GLN B 129 12.69 -4.50 -0.12
N LYS B 130 13.27 -3.70 -1.01
CA LYS B 130 13.87 -2.41 -0.63
C LYS B 130 12.79 -1.36 -0.28
N VAL B 131 11.70 -1.35 -1.03
CA VAL B 131 10.59 -0.44 -0.74
C VAL B 131 10.01 -0.67 0.66
N ALA B 132 10.03 -1.92 1.13
CA ALA B 132 9.52 -2.27 2.46
C ALA B 132 10.27 -1.56 3.61
N SER B 133 11.53 -1.21 3.37
CA SER B 133 12.35 -0.51 4.36
C SER B 133 12.47 1.00 4.13
N MET B 134 11.62 1.54 3.24
CA MET B 134 11.65 2.98 2.94
C MET B 134 11.19 3.79 4.15
N PRO B 135 11.86 4.94 4.42
CA PRO B 135 11.45 5.87 5.48
C PRO B 135 10.02 6.42 5.32
N GLN B 136 9.40 6.80 6.44
CA GLN B 136 7.99 7.19 6.43
C GLN B 136 7.79 8.71 6.50
N GLU B 137 7.09 9.25 5.51
CA GLU B 137 6.75 10.67 5.45
C GLU B 137 5.64 10.90 4.43
N THR C 30 -24.78 23.22 18.26
CA THR C 30 -24.53 22.41 17.03
C THR C 30 -23.33 22.93 16.24
N ASN C 31 -23.10 24.24 16.29
CA ASN C 31 -22.01 24.88 15.54
C ASN C 31 -20.64 24.31 15.92
N GLN C 32 -20.39 24.19 17.23
CA GLN C 32 -19.14 23.62 17.74
C GLN C 32 -18.99 22.14 17.35
N LEU C 33 -20.07 21.37 17.53
CA LEU C 33 -20.05 19.94 17.21
C LEU C 33 -19.96 19.69 15.71
N GLN C 34 -20.66 20.49 14.91
CA GLN C 34 -20.55 20.42 13.45
C GLN C 34 -19.11 20.73 13.02
N TYR C 35 -18.50 21.72 13.66
CA TYR C 35 -17.10 22.03 13.42
C TYR C 35 -16.21 20.83 13.76
N LEU C 36 -16.38 20.30 14.97
CA LEU C 36 -15.65 19.10 15.39
C LEU C 36 -15.85 17.93 14.41
N HIS C 37 -17.04 17.81 13.84
CA HIS C 37 -17.30 16.76 12.86
C HIS C 37 -16.71 17.09 11.52
N LYS C 38 -17.08 18.24 10.98
CA LYS C 38 -16.76 18.59 9.58
C LYS C 38 -15.36 19.16 9.38
N VAL C 39 -14.74 19.69 10.44
CA VAL C 39 -13.39 20.24 10.33
C VAL C 39 -12.36 19.36 11.05
N VAL C 40 -12.58 19.10 12.34
CA VAL C 40 -11.58 18.40 13.15
C VAL C 40 -11.49 16.92 12.75
N MET C 41 -12.61 16.19 12.83
CA MET C 41 -12.60 14.77 12.52
C MET C 41 -12.22 14.51 11.06
N LYS C 42 -12.72 15.32 10.14
CA LYS C 42 -12.39 15.15 8.72
C LYS C 42 -10.88 15.19 8.46
N ALA C 43 -10.18 16.13 9.10
CA ALA C 43 -8.72 16.21 8.98
C ALA C 43 -8.01 15.02 9.65
N LEU C 44 -8.48 14.64 10.83
CA LEU C 44 -7.83 13.56 11.59
C LEU C 44 -8.05 12.18 10.95
N TRP C 45 -9.28 11.93 10.50
CA TRP C 45 -9.67 10.63 9.97
C TRP C 45 -8.86 10.20 8.78
N LYS C 46 -8.57 11.13 7.88
CA LYS C 46 -7.86 10.83 6.65
C LYS C 46 -6.34 11.03 6.76
N HIS C 47 -5.86 11.43 7.93
CA HIS C 47 -4.43 11.63 8.16
C HIS C 47 -3.70 10.32 8.01
N GLN C 48 -2.45 10.36 7.56
CA GLN C 48 -1.67 9.14 7.32
C GLN C 48 -1.38 8.33 8.60
N PHE C 49 -1.43 8.97 9.76
CA PHE C 49 -1.19 8.30 11.04
C PHE C 49 -2.48 7.82 11.74
N ALA C 50 -3.63 8.01 11.09
CA ALA C 50 -4.92 7.72 11.71
C ALA C 50 -5.24 6.23 11.83
N TRP C 51 -4.71 5.41 10.93
CA TRP C 51 -5.17 4.02 10.80
C TRP C 51 -5.21 3.19 12.07
N PRO C 52 -4.21 3.32 12.98
CA PRO C 52 -4.32 2.52 14.21
C PRO C 52 -5.43 2.96 15.16
N PHE C 53 -5.96 4.17 14.96
CA PHE C 53 -6.96 4.75 15.84
C PHE C 53 -8.39 4.71 15.29
N ARG C 54 -8.57 4.14 14.10
CA ARG C 54 -9.87 4.17 13.41
C ARG C 54 -10.90 3.17 13.95
N GLN C 55 -10.47 2.23 14.77
CA GLN C 55 -11.39 1.29 15.41
C GLN C 55 -10.88 0.97 16.80
N PRO C 56 -11.76 0.44 17.68
CA PRO C 56 -11.32 0.14 19.04
C PRO C 56 -10.10 -0.80 19.07
N VAL C 57 -9.26 -0.64 20.08
CA VAL C 57 -8.13 -1.53 20.27
C VAL C 57 -8.68 -2.95 20.50
N ASP C 58 -8.22 -3.90 19.68
CA ASP C 58 -8.57 -5.30 19.86
C ASP C 58 -7.39 -5.97 20.56
N ALA C 59 -7.47 -6.05 21.89
CA ALA C 59 -6.40 -6.60 22.73
C ALA C 59 -6.09 -8.06 22.42
N VAL C 60 -7.09 -8.82 21.97
CA VAL C 60 -6.90 -10.21 21.61
C VAL C 60 -6.09 -10.30 20.31
N LYS C 61 -6.61 -9.71 19.24
CA LYS C 61 -5.95 -9.74 17.92
C LYS C 61 -4.52 -9.20 17.95
N LEU C 62 -4.32 -8.08 18.65
CA LEU C 62 -2.99 -7.46 18.74
C LEU C 62 -2.06 -8.17 19.72
N GLY C 63 -2.58 -9.11 20.49
CA GLY C 63 -1.79 -9.84 21.49
C GLY C 63 -1.40 -8.94 22.65
N LEU C 64 -2.40 -8.29 23.25
CA LEU C 64 -2.20 -7.36 24.37
C LEU C 64 -3.07 -7.78 25.55
N PRO C 65 -2.76 -8.92 26.19
CA PRO C 65 -3.63 -9.46 27.25
C PRO C 65 -3.85 -8.52 28.45
N ASP C 66 -2.95 -7.57 28.68
CA ASP C 66 -3.07 -6.64 29.82
C ASP C 66 -3.75 -5.31 29.47
N TYR C 67 -4.09 -5.10 28.19
CA TYR C 67 -4.56 -3.79 27.75
C TYR C 67 -5.70 -3.24 28.61
N HIS C 68 -6.74 -4.05 28.80
CA HIS C 68 -7.90 -3.63 29.58
C HIS C 68 -7.75 -3.75 31.07
N LYS C 69 -6.61 -4.29 31.53
CA LYS C 69 -6.25 -4.21 32.94
C LYS C 69 -5.64 -2.85 33.25
N ILE C 70 -4.97 -2.27 32.25
CA ILE C 70 -4.29 -0.98 32.41
C ILE C 70 -5.19 0.19 31.99
N ILE C 71 -5.85 0.06 30.84
CA ILE C 71 -6.70 1.13 30.31
C ILE C 71 -8.15 0.92 30.73
N LYS C 72 -8.68 1.85 31.50
CA LYS C 72 -10.02 1.70 32.07
C LYS C 72 -11.15 2.16 31.15
N GLN C 73 -10.86 3.15 30.30
N GLN C 73 -10.88 3.18 30.31
CA GLN C 73 -11.85 3.71 29.37
CA GLN C 73 -11.88 3.68 29.38
C GLN C 73 -11.30 3.73 27.94
C GLN C 73 -11.31 3.73 27.96
N PRO C 74 -11.50 2.64 27.19
CA PRO C 74 -11.05 2.60 25.80
C PRO C 74 -11.78 3.63 24.93
N MET C 75 -11.08 4.20 23.96
CA MET C 75 -11.69 5.13 23.02
C MET C 75 -10.93 5.14 21.70
N ASP C 76 -11.64 5.44 20.61
CA ASP C 76 -11.06 5.41 19.28
C ASP C 76 -11.83 6.36 18.37
N MET C 77 -11.21 6.72 17.24
CA MET C 77 -11.83 7.67 16.29
C MET C 77 -13.08 7.13 15.61
N GLY C 78 -13.15 5.82 15.41
CA GLY C 78 -14.34 5.19 14.84
C GLY C 78 -15.59 5.44 15.69
N THR C 79 -15.44 5.22 16.99
CA THR C 79 -16.50 5.50 17.97
C THR C 79 -16.87 6.98 18.00
N ILE C 80 -15.85 7.84 18.02
CA ILE C 80 -16.09 9.29 18.06
C ILE C 80 -16.82 9.74 16.79
N LYS C 81 -16.39 9.20 15.64
CA LYS C 81 -16.99 9.53 14.35
C LYS C 81 -18.47 9.09 14.29
N ARG C 82 -18.77 7.88 14.77
CA ARG C 82 -20.15 7.39 14.84
C ARG C 82 -20.98 8.31 15.74
N ARG C 83 -20.41 8.69 16.88
CA ARG C 83 -21.10 9.57 17.83
C ARG C 83 -21.43 10.93 17.24
N LEU C 84 -20.48 11.51 16.49
CA LEU C 84 -20.71 12.79 15.82
C LEU C 84 -21.80 12.64 14.76
N GLU C 85 -21.71 11.57 13.97
CA GLU C 85 -22.69 11.27 12.94
C GLU C 85 -24.10 11.05 13.51
N ASN C 86 -24.17 10.43 14.68
CA ASN C 86 -25.45 10.05 15.29
C ASN C 86 -26.01 11.06 16.31
N ASN C 87 -25.40 12.25 16.40
CA ASN C 87 -25.84 13.31 17.32
C ASN C 87 -25.76 12.92 18.80
N TYR C 88 -24.80 12.07 19.14
CA TYR C 88 -24.63 11.56 20.50
C TYR C 88 -24.30 12.67 21.52
N TYR C 89 -23.42 13.59 21.14
CA TYR C 89 -22.87 14.58 22.07
C TYR C 89 -23.81 15.77 22.32
N TRP C 90 -23.81 16.27 23.55
CA TRP C 90 -24.50 17.52 23.93
C TRP C 90 -23.61 18.72 23.92
N ALA C 91 -22.32 18.53 24.22
CA ALA C 91 -21.36 19.61 24.29
C ALA C 91 -20.11 19.25 23.52
N ALA C 92 -19.44 20.27 23.00
CA ALA C 92 -18.13 20.10 22.37
C ALA C 92 -17.13 19.49 23.36
N SER C 93 -17.21 19.92 24.62
CA SER C 93 -16.32 19.40 25.68
C SER C 93 -16.30 17.87 25.75
N GLU C 94 -17.48 17.24 25.59
CA GLU C 94 -17.60 15.78 25.66
C GLU C 94 -16.82 15.07 24.56
N CYS C 95 -16.95 15.57 23.34
CA CYS C 95 -16.22 15.05 22.19
C CYS C 95 -14.72 15.28 22.36
N MET C 96 -14.37 16.44 22.89
CA MET C 96 -12.97 16.76 23.18
C MET C 96 -12.38 15.82 24.23
N GLN C 97 -13.15 15.52 25.28
N GLN C 97 -13.14 15.49 25.28
CA GLN C 97 -12.75 14.58 26.32
CA GLN C 97 -12.65 14.56 26.29
C GLN C 97 -12.48 13.18 25.73
C GLN C 97 -12.46 13.16 25.72
N ASP C 98 -13.30 12.78 24.76
CA ASP C 98 -13.13 11.48 24.07
C ASP C 98 -11.83 11.42 23.25
N PHE C 99 -11.58 12.45 22.46
CA PHE C 99 -10.29 12.57 21.78
C PHE C 99 -9.12 12.48 22.77
N ASN C 100 -9.21 13.25 23.85
CA ASN C 100 -8.15 13.26 24.87
C ASN C 100 -7.95 11.88 25.47
N THR C 101 -9.04 11.21 25.83
CA THR C 101 -8.97 9.86 26.36
C THR C 101 -8.24 8.92 25.41
N MET C 102 -8.56 9.01 24.12
CA MET C 102 -7.94 8.17 23.10
C MET C 102 -6.42 8.37 23.09
N PHE C 103 -5.98 9.63 23.02
CA PHE C 103 -4.55 9.90 22.99
C PHE C 103 -3.88 9.47 24.29
N THR C 104 -4.50 9.83 25.43
CA THR C 104 -3.94 9.51 26.74
C THR C 104 -3.78 8.00 26.94
N ASN C 105 -4.79 7.22 26.58
CA ASN C 105 -4.68 5.76 26.64
C ASN C 105 -3.41 5.29 25.93
N CYS C 106 -3.19 5.82 24.73
CA CYS C 106 -2.03 5.48 23.94
C CYS C 106 -0.71 5.78 24.66
N TYR C 107 -0.59 6.99 25.21
CA TYR C 107 0.61 7.41 25.94
C TYR C 107 0.85 6.57 27.20
N ILE C 108 -0.22 6.20 27.89
CA ILE C 108 -0.09 5.47 29.15
C ILE C 108 0.31 4.01 28.91
N TYR C 109 -0.33 3.37 27.93
CA TYR C 109 -0.10 1.94 27.71
C TYR C 109 1.24 1.65 27.05
N ASN C 110 1.58 2.42 26.02
CA ASN C 110 2.73 2.10 25.16
C ASN C 110 4.06 2.62 25.71
N LYS C 111 5.15 2.05 25.22
CA LYS C 111 6.50 2.50 25.61
C LYS C 111 6.81 3.83 24.95
N PRO C 112 7.61 4.69 25.61
CA PRO C 112 7.92 6.02 25.08
C PRO C 112 8.52 5.99 23.67
N THR C 113 9.28 4.95 23.36
CA THR C 113 9.95 4.83 22.08
C THR C 113 9.11 4.16 20.98
N ASP C 114 7.90 3.70 21.31
CA ASP C 114 7.00 3.10 20.31
C ASP C 114 6.57 4.13 19.26
N ASP C 115 6.51 3.69 18.01
CA ASP C 115 6.07 4.55 16.90
C ASP C 115 4.65 5.07 17.10
N ILE C 116 3.78 4.25 17.69
CA ILE C 116 2.39 4.65 17.94
C ILE C 116 2.32 5.94 18.78
N VAL C 117 3.27 6.12 19.69
CA VAL C 117 3.31 7.32 20.53
C VAL C 117 3.58 8.59 19.71
N LEU C 118 4.57 8.54 18.83
CA LEU C 118 4.85 9.67 17.94
C LEU C 118 3.66 9.97 17.01
N MET C 119 3.00 8.92 16.55
CA MET C 119 1.80 9.06 15.73
C MET C 119 0.69 9.79 16.49
N ALA C 120 0.45 9.37 17.72
CA ALA C 120 -0.55 10.01 18.58
C ALA C 120 -0.21 11.49 18.82
N GLN C 121 1.06 11.76 19.12
CA GLN C 121 1.52 13.15 19.33
C GLN C 121 1.18 14.04 18.13
N THR C 122 1.47 13.53 16.93
CA THR C 122 1.21 14.28 15.71
C THR C 122 -0.28 14.58 15.55
N LEU C 123 -1.11 13.56 15.73
CA LEU C 123 -2.55 13.75 15.64
C LEU C 123 -3.07 14.71 16.71
N GLU C 124 -2.58 14.59 17.94
CA GLU C 124 -3.12 15.43 19.03
C GLU C 124 -2.80 16.91 18.84
N LYS C 125 -1.61 17.20 18.29
CA LYS C 125 -1.23 18.59 18.03
C LYS C 125 -2.17 19.23 17.00
N ILE C 126 -2.54 18.46 15.98
CA ILE C 126 -3.51 18.89 14.98
C ILE C 126 -4.87 19.13 15.62
N PHE C 127 -5.33 18.14 16.38
CA PHE C 127 -6.57 18.24 17.16
C PHE C 127 -6.63 19.56 17.93
N LEU C 128 -5.59 19.85 18.72
CA LEU C 128 -5.56 21.05 19.56
C LEU C 128 -5.54 22.34 18.74
N GLN C 129 -4.77 22.32 17.66
CA GLN C 129 -4.70 23.45 16.75
C GLN C 129 -6.10 23.76 16.21
N LYS C 130 -6.79 22.74 15.75
CA LYS C 130 -8.14 22.92 15.19
C LYS C 130 -9.13 23.37 16.26
N VAL C 131 -9.05 22.75 17.45
CA VAL C 131 -9.91 23.12 18.59
C VAL C 131 -9.75 24.61 18.98
N ALA C 132 -8.54 25.14 18.85
CA ALA C 132 -8.29 26.56 19.14
C ALA C 132 -9.12 27.49 18.26
N SER C 133 -9.38 27.10 17.01
CA SER C 133 -10.17 27.91 16.07
C SER C 133 -11.64 27.52 16.03
N MET C 134 -12.07 26.74 17.03
CA MET C 134 -13.46 26.32 17.12
C MET C 134 -14.34 27.53 17.44
N PRO C 135 -15.50 27.64 16.76
CA PRO C 135 -16.40 28.76 17.06
C PRO C 135 -17.02 28.66 18.46
N GLN C 136 -17.47 29.79 19.01
CA GLN C 136 -18.15 29.81 20.30
C GLN C 136 -19.64 29.99 20.08
#